data_4H4E
#
_entry.id   4H4E
#
_cell.length_a   70.700
_cell.length_b   80.670
_cell.length_c   111.460
_cell.angle_alpha   90.00
_cell.angle_beta   90.00
_cell.angle_gamma   90.00
#
_symmetry.space_group_name_H-M   'P 21 21 21'
#
loop_
_entity.id
_entity.type
_entity.pdbx_description
1 polymer '4-hydroxy-3-methylbut-2-enyl diphosphate reductase'
2 non-polymer 'IRON/SULFUR CLUSTER'
3 non-polymer '(2E)-3-methyl-4-sulfanylbut-2-en-1-yl trihydrogen diphosphate'
4 water water
#
_entity_poly.entity_id   1
_entity_poly.type   'polypeptide(L)'
_entity_poly.pdbx_seq_one_letter_code
;HHHHHHGSMQILLANPRGFCAGVDRAISIVENALAIYGAPIYVRHEVVHNRYVVDSLRERGAIFIEQISEVPDGAILIFS
AHGVSQAVRNEAKSRDLTVFDATCPLVTKVHMEVARASRRGEESILIGHAGHPEVEGTMGQYSNPEGGMYLVESPDDVWK
LTVKNEEKLSFMTQTTLSVDDTSDVIDALRKRFPKIVGPRKDDICYATTNRQEAVRALAEQAEVVLVVGSKNSSNSNRLA
ELAQRMGKRAFLIDDAKDIQEEWVKEVKCVGVTAGASAPDILVQNVVARLQQLGGGEAIPLEGREENIVFEVPKELRVDI
REV
;
_entity_poly.pdbx_strand_id   A,B
#
loop_
_chem_comp.id
_chem_comp.type
_chem_comp.name
_chem_comp.formula
10G non-polymer '(2E)-3-methyl-4-sulfanylbut-2-en-1-yl trihydrogen diphosphate' 'C5 H12 O7 P2 S'
SF4 non-polymer 'IRON/SULFUR CLUSTER' 'Fe4 S4'
#
# COMPACT_ATOMS: atom_id res chain seq x y z
N MET A 9 9.35 -20.94 -32.83
CA MET A 9 9.95 -20.14 -31.71
C MET A 9 8.89 -19.99 -30.65
N GLN A 10 9.25 -20.17 -29.38
CA GLN A 10 8.22 -20.10 -28.36
C GLN A 10 8.25 -18.66 -27.81
N ILE A 11 7.05 -18.09 -27.54
CA ILE A 11 6.97 -16.70 -26.97
C ILE A 11 6.44 -16.82 -25.53
N LEU A 12 7.21 -16.27 -24.55
CA LEU A 12 6.78 -16.34 -23.16
C LEU A 12 6.53 -14.90 -22.73
N LEU A 13 5.44 -14.75 -21.96
CA LEU A 13 5.15 -13.43 -21.35
C LEU A 13 5.41 -13.39 -19.87
N ALA A 14 6.03 -12.30 -19.39
CA ALA A 14 6.42 -12.19 -17.94
C ALA A 14 5.17 -11.82 -17.18
N ASN A 15 5.06 -12.29 -15.95
CA ASN A 15 3.94 -11.90 -15.18
C ASN A 15 4.35 -11.64 -13.73
N PRO A 16 4.05 -10.45 -13.18
CA PRO A 16 3.33 -9.29 -13.76
C PRO A 16 4.20 -8.51 -14.77
N ARG A 17 3.51 -7.72 -15.56
CA ARG A 17 4.20 -6.79 -16.48
C ARG A 17 3.22 -5.64 -16.66
N GLY A 18 3.68 -4.55 -17.27
CA GLY A 18 2.72 -3.57 -17.74
C GLY A 18 2.21 -2.69 -16.56
N PHE A 19 1.08 -2.04 -16.76
CA PHE A 19 0.68 -0.96 -15.85
C PHE A 19 0.62 -1.31 -14.38
N CYS A 20 1.15 -0.44 -13.58
CA CYS A 20 0.96 -0.53 -12.14
C CYS A 20 -0.20 0.35 -11.70
N ALA A 21 -0.43 0.43 -10.37
CA ALA A 21 -1.62 1.17 -9.89
C ALA A 21 -1.49 2.65 -10.00
N GLY A 22 -0.28 3.15 -9.82
CA GLY A 22 -0.05 4.58 -9.85
C GLY A 22 -0.21 5.11 -11.28
N VAL A 23 0.23 4.32 -12.29
CA VAL A 23 0.16 4.74 -13.70
C VAL A 23 -1.29 4.68 -14.15
N ASP A 24 -2.04 3.65 -13.75
CA ASP A 24 -3.40 3.55 -14.22
C ASP A 24 -4.20 4.73 -13.63
N ARG A 25 -3.93 5.07 -12.36
CA ARG A 25 -4.64 6.19 -11.75
C ARG A 25 -4.28 7.52 -12.48
N ALA A 26 -2.97 7.74 -12.75
CA ALA A 26 -2.51 9.03 -13.34
C ALA A 26 -3.08 9.21 -14.72
N ILE A 27 -3.13 8.14 -15.51
CA ILE A 27 -3.66 8.27 -16.88
C ILE A 27 -5.13 8.55 -16.78
N SER A 28 -5.81 7.92 -15.84
CA SER A 28 -7.27 8.21 -15.72
C SER A 28 -7.54 9.62 -15.27
N ILE A 29 -6.65 10.14 -14.43
CA ILE A 29 -6.80 11.54 -13.95
C ILE A 29 -6.77 12.48 -15.17
N VAL A 30 -5.78 12.34 -16.06
CA VAL A 30 -5.67 13.26 -17.26
C VAL A 30 -6.89 13.00 -18.18
N GLU A 31 -7.22 11.72 -18.43
CA GLU A 31 -8.40 11.46 -19.30
C GLU A 31 -9.71 12.06 -18.74
N ASN A 32 -9.92 11.94 -17.43
CA ASN A 32 -11.16 12.35 -16.83
C ASN A 32 -11.17 13.87 -16.83
N ALA A 33 -10.01 14.49 -16.56
CA ALA A 33 -9.97 15.96 -16.65
C ALA A 33 -10.28 16.43 -18.06
N LEU A 34 -9.71 15.77 -19.08
CA LEU A 34 -10.07 16.09 -20.47
C LEU A 34 -11.55 15.93 -20.71
N ALA A 35 -12.17 14.95 -20.08
CA ALA A 35 -13.60 14.68 -20.32
C ALA A 35 -14.44 15.70 -19.64
N ILE A 36 -14.01 16.16 -18.47
CA ILE A 36 -14.87 17.06 -17.61
C ILE A 36 -14.75 18.52 -18.04
N TYR A 37 -13.51 18.93 -18.31
CA TYR A 37 -13.23 20.35 -18.57
C TYR A 37 -12.92 20.70 -20.00
N GLY A 38 -12.68 19.70 -20.86
CA GLY A 38 -12.27 19.85 -22.26
C GLY A 38 -10.82 20.27 -22.43
N ALA A 39 -10.29 20.24 -23.66
CA ALA A 39 -8.96 20.78 -23.92
C ALA A 39 -8.92 22.30 -23.80
N PRO A 40 -7.76 22.87 -23.44
CA PRO A 40 -6.56 22.11 -23.07
C PRO A 40 -6.52 21.84 -21.55
N ILE A 41 -5.91 20.70 -21.22
CA ILE A 41 -5.49 20.37 -19.84
C ILE A 41 -4.00 20.39 -19.85
N TYR A 42 -3.43 21.22 -18.99
CA TYR A 42 -2.02 21.25 -18.91
C TYR A 42 -1.50 20.14 -17.96
N VAL A 43 -0.35 19.54 -18.31
CA VAL A 43 0.24 18.52 -17.46
C VAL A 43 1.73 18.83 -17.29
N ARG A 44 2.16 18.93 -16.05
CA ARG A 44 3.56 19.17 -15.76
C ARG A 44 4.37 17.86 -15.85
N HIS A 45 5.18 17.77 -16.90
CA HIS A 45 5.98 16.64 -17.25
C HIS A 45 5.10 15.61 -17.91
N GLU A 46 5.71 14.75 -18.74
CA GLU A 46 4.94 13.61 -19.27
C GLU A 46 4.24 12.91 -18.10
N VAL A 47 2.92 12.63 -18.22
CA VAL A 47 2.19 12.12 -17.05
C VAL A 47 2.82 10.78 -16.56
N VAL A 48 3.20 9.96 -17.52
CA VAL A 48 4.02 8.74 -17.24
C VAL A 48 5.01 8.71 -18.39
N HIS A 49 6.11 7.95 -18.24
CA HIS A 49 7.12 7.99 -19.29
C HIS A 49 6.80 6.98 -20.38
N ASN A 50 5.80 7.28 -21.18
CA ASN A 50 5.44 6.34 -22.29
C ASN A 50 4.96 7.18 -23.48
N ARG A 51 5.74 7.09 -24.56
CA ARG A 51 5.49 7.85 -25.79
C ARG A 51 4.08 7.59 -26.29
N TYR A 52 3.60 6.33 -26.34
CA TYR A 52 2.29 6.08 -26.89
C TYR A 52 1.18 6.72 -26.05
N VAL A 53 1.23 6.61 -24.71
CA VAL A 53 0.28 7.25 -23.81
C VAL A 53 0.33 8.77 -23.98
N VAL A 54 1.55 9.29 -23.96
CA VAL A 54 1.77 10.78 -23.99
C VAL A 54 1.28 11.32 -25.39
N ASP A 55 1.72 10.68 -26.49
CA ASP A 55 1.26 11.14 -27.83
C ASP A 55 -0.25 11.11 -27.92
N SER A 56 -0.87 10.06 -27.37
CA SER A 56 -2.35 9.91 -27.37
C SER A 56 -2.95 11.09 -26.71
N LEU A 57 -2.51 11.40 -25.49
CA LEU A 57 -3.14 12.42 -24.68
C LEU A 57 -2.94 13.79 -25.32
N ARG A 58 -1.80 14.00 -25.96
CA ARG A 58 -1.49 15.26 -26.65
C ARG A 58 -2.49 15.48 -27.80
N GLU A 59 -2.67 14.43 -28.61
CA GLU A 59 -3.61 14.48 -29.73
C GLU A 59 -5.06 14.70 -29.19
N ARG A 60 -5.39 14.29 -27.94
CA ARG A 60 -6.70 14.68 -27.34
C ARG A 60 -6.67 16.01 -26.62
N GLY A 61 -5.54 16.70 -26.67
CA GLY A 61 -5.53 18.09 -26.09
C GLY A 61 -4.89 18.35 -24.73
N ALA A 62 -4.19 17.36 -24.19
CA ALA A 62 -3.36 17.59 -23.04
C ALA A 62 -2.13 18.33 -23.59
N ILE A 63 -1.64 19.34 -22.88
CA ILE A 63 -0.34 19.93 -23.24
C ILE A 63 0.68 19.73 -22.14
N PHE A 64 1.83 19.15 -22.47
CA PHE A 64 2.82 18.71 -21.48
C PHE A 64 3.88 19.80 -21.40
N ILE A 65 4.16 20.30 -20.21
CA ILE A 65 5.06 21.46 -20.05
C ILE A 65 6.12 21.12 -19.00
N GLU A 66 7.27 21.81 -19.00
CA GLU A 66 8.23 21.44 -17.97
C GLU A 66 8.13 22.41 -16.82
N GLN A 67 7.78 23.64 -17.13
CA GLN A 67 7.76 24.70 -16.13
C GLN A 67 6.39 25.37 -16.02
N ILE A 68 5.97 25.70 -14.79
CA ILE A 68 4.63 26.33 -14.53
C ILE A 68 4.56 27.68 -15.27
N SER A 69 5.72 28.33 -15.43
CA SER A 69 5.70 29.60 -16.23
C SER A 69 5.29 29.38 -17.67
N GLU A 70 5.18 28.11 -18.15
CA GLU A 70 4.57 27.84 -19.50
C GLU A 70 3.03 27.80 -19.49
N VAL A 71 2.42 27.81 -18.31
CA VAL A 71 0.95 27.61 -18.20
C VAL A 71 0.22 28.95 -17.99
N PRO A 72 -0.90 29.16 -18.71
CA PRO A 72 -1.70 30.37 -18.65
C PRO A 72 -2.56 30.47 -17.37
N ASP A 73 -2.86 31.70 -16.92
CA ASP A 73 -3.78 31.97 -15.82
C ASP A 73 -5.13 31.32 -16.09
N GLY A 74 -5.83 30.85 -15.05
CA GLY A 74 -7.20 30.25 -15.16
C GLY A 74 -7.22 28.79 -15.70
N ALA A 75 -6.01 28.25 -15.96
CA ALA A 75 -5.88 26.88 -16.59
C ALA A 75 -6.05 25.80 -15.53
N ILE A 76 -6.21 24.56 -16.02
CA ILE A 76 -6.14 23.37 -15.17
C ILE A 76 -4.80 22.73 -15.43
N LEU A 77 -4.11 22.37 -14.32
CA LEU A 77 -2.74 21.88 -14.41
C LEU A 77 -2.78 20.57 -13.65
N ILE A 78 -2.20 19.52 -14.18
CA ILE A 78 -2.10 18.24 -13.42
C ILE A 78 -0.61 17.95 -13.21
N PHE A 79 -0.19 17.60 -11.97
CA PHE A 79 1.20 17.20 -11.78
C PHE A 79 1.32 15.72 -12.19
N SER A 80 2.46 15.33 -12.77
CA SER A 80 2.67 13.90 -13.26
C SER A 80 2.77 12.95 -12.10
N ALA A 81 2.71 11.65 -12.42
CA ALA A 81 2.69 10.63 -11.38
C ALA A 81 4.03 10.57 -10.61
N HIS A 82 5.12 11.11 -11.19
CA HIS A 82 6.45 11.13 -10.59
C HIS A 82 6.58 12.09 -9.44
N GLY A 83 5.64 13.03 -9.36
CA GLY A 83 5.57 14.00 -8.18
C GLY A 83 6.33 15.27 -8.48
N VAL A 84 6.23 16.25 -7.57
CA VAL A 84 6.88 17.58 -7.82
C VAL A 84 7.43 18.07 -6.48
N SER A 85 8.33 19.07 -6.59
CA SER A 85 8.98 19.66 -5.42
C SER A 85 7.95 20.57 -4.76
N GLN A 86 8.22 20.93 -3.49
CA GLN A 86 7.38 21.92 -2.84
C GLN A 86 7.43 23.24 -3.58
N ALA A 87 8.60 23.59 -4.12
CA ALA A 87 8.74 24.84 -4.89
C ALA A 87 7.81 24.91 -6.07
N VAL A 88 7.69 23.79 -6.80
CA VAL A 88 6.79 23.69 -7.96
C VAL A 88 5.35 23.79 -7.46
N ARG A 89 5.03 23.08 -6.37
CA ARG A 89 3.67 23.09 -5.83
C ARG A 89 3.32 24.47 -5.39
N ASN A 90 4.24 25.14 -4.69
CA ASN A 90 3.94 26.48 -4.21
C ASN A 90 3.82 27.46 -5.34
N GLU A 91 4.63 27.29 -6.40
CA GLU A 91 4.56 28.16 -7.57
C GLU A 91 3.21 27.99 -8.26
N ALA A 92 2.73 26.75 -8.47
CA ALA A 92 1.34 26.52 -8.94
C ALA A 92 0.32 27.18 -8.00
N LYS A 93 0.52 27.02 -6.70
CA LYS A 93 -0.47 27.43 -5.66
C LYS A 93 -0.65 28.93 -5.66
N SER A 94 0.45 29.62 -5.87
CA SER A 94 0.36 31.10 -5.88
C SER A 94 -0.10 31.67 -7.23
N ARG A 95 -0.29 30.83 -8.25
CA ARG A 95 -0.81 31.26 -9.55
C ARG A 95 -2.33 31.01 -9.61
N ASP A 96 -3.01 31.50 -10.64
CA ASP A 96 -4.48 31.42 -10.66
C ASP A 96 -5.02 30.00 -11.12
N LEU A 97 -4.16 28.99 -11.02
CA LEU A 97 -4.34 27.62 -11.58
C LEU A 97 -5.27 26.70 -10.75
N THR A 98 -6.13 25.91 -11.40
CA THR A 98 -6.79 24.77 -10.72
C THR A 98 -5.83 23.58 -10.88
N VAL A 99 -5.41 23.02 -9.74
CA VAL A 99 -4.41 21.94 -9.74
C VAL A 99 -5.07 20.62 -9.33
N PHE A 100 -4.73 19.52 -10.04
CA PHE A 100 -5.02 18.17 -9.61
C PHE A 100 -3.70 17.49 -9.56
N ASP A 101 -3.55 16.56 -8.64
CA ASP A 101 -2.26 15.98 -8.41
C ASP A 101 -2.32 14.48 -8.78
N ALA A 102 -1.58 14.04 -9.79
CA ALA A 102 -1.62 12.62 -10.14
C ALA A 102 -0.41 11.90 -9.48
N THR A 103 0.32 12.56 -8.59
CA THR A 103 1.48 11.86 -7.96
C THR A 103 1.03 10.55 -7.38
N CYS A 104 1.85 9.52 -7.60
CA CYS A 104 1.43 8.22 -7.07
C CYS A 104 1.41 8.24 -5.54
N PRO A 105 0.40 7.62 -4.89
CA PRO A 105 0.45 7.58 -3.42
C PRO A 105 1.77 7.02 -2.85
N LEU A 106 2.43 6.09 -3.52
CA LEU A 106 3.71 5.50 -3.01
C LEU A 106 4.91 6.47 -3.12
N VAL A 107 4.78 7.46 -3.98
CA VAL A 107 5.81 8.53 -4.03
C VAL A 107 5.48 9.51 -2.94
N THR A 108 4.20 9.85 -2.81
CA THR A 108 3.79 10.78 -1.72
C THR A 108 4.23 10.26 -0.35
N LYS A 109 4.23 8.94 -0.16
CA LYS A 109 4.65 8.39 1.17
C LYS A 109 6.13 8.72 1.44
N VAL A 110 7.00 8.64 0.41
CA VAL A 110 8.37 8.96 0.61
C VAL A 110 8.49 10.51 0.83
N HIS A 111 7.72 11.28 0.08
CA HIS A 111 7.83 12.77 0.22
C HIS A 111 7.54 13.17 1.63
N MET A 112 6.56 12.53 2.27
CA MET A 112 6.20 12.95 3.64
C MET A 112 7.36 12.65 4.60
N GLU A 113 8.14 11.60 4.38
CA GLU A 113 9.21 11.29 5.30
C GLU A 113 10.30 12.33 5.16
N VAL A 114 10.55 12.76 3.90
CA VAL A 114 11.59 13.73 3.65
C VAL A 114 11.21 15.06 4.34
N ALA A 115 9.97 15.44 4.20
CA ALA A 115 9.42 16.66 4.82
C ALA A 115 9.54 16.57 6.34
N ARG A 116 9.30 15.39 6.90
CA ARG A 116 9.44 15.25 8.35
C ARG A 116 10.89 15.49 8.82
N ALA A 117 11.86 14.93 8.10
CA ALA A 117 13.25 15.19 8.44
C ALA A 117 13.68 16.65 8.26
N SER A 118 13.14 17.30 7.25
CA SER A 118 13.38 18.69 7.02
C SER A 118 12.91 19.45 8.25
N ARG A 119 11.65 19.29 8.62
CA ARG A 119 11.10 19.97 9.83
C ARG A 119 12.01 19.78 11.04
N ARG A 120 12.72 18.67 11.12
CA ARG A 120 13.59 18.38 12.26
C ARG A 120 15.03 18.88 12.15
N GLY A 121 15.44 19.33 10.96
CA GLY A 121 16.79 19.74 10.61
C GLY A 121 17.74 18.59 10.73
N GLU A 122 17.25 17.40 10.40
CA GLU A 122 18.08 16.19 10.48
C GLU A 122 18.33 15.80 9.06
N GLU A 123 19.56 15.37 8.82
CA GLU A 123 19.97 15.16 7.44
C GLU A 123 19.34 13.89 6.88
N SER A 124 19.21 13.88 5.55
CA SER A 124 18.56 12.74 4.85
C SER A 124 19.36 12.45 3.60
N ILE A 125 19.47 11.17 3.25
CA ILE A 125 20.14 10.81 2.03
C ILE A 125 19.11 10.07 1.13
N LEU A 126 18.98 10.47 -0.12
CA LEU A 126 18.12 9.77 -1.08
C LEU A 126 19.01 8.91 -1.96
N ILE A 127 18.62 7.64 -2.19
CA ILE A 127 19.28 6.81 -3.21
C ILE A 127 18.47 6.94 -4.49
N GLY A 128 19.11 7.43 -5.58
CA GLY A 128 18.34 7.62 -6.79
C GLY A 128 19.20 8.13 -7.88
N HIS A 129 18.61 8.38 -9.03
CA HIS A 129 19.44 8.77 -10.22
C HIS A 129 19.29 10.26 -10.41
N ALA A 130 20.43 10.98 -10.49
CA ALA A 130 20.42 12.43 -10.69
C ALA A 130 19.64 12.81 -11.95
N GLY A 131 18.79 13.82 -11.80
CA GLY A 131 18.04 14.46 -12.88
C GLY A 131 16.68 13.86 -13.18
N HIS A 132 16.40 12.72 -12.63
CA HIS A 132 15.10 12.08 -12.91
C HIS A 132 14.01 12.92 -12.18
N PRO A 133 12.78 13.11 -12.77
CA PRO A 133 11.82 13.95 -12.08
C PRO A 133 11.44 13.45 -10.70
N GLU A 134 11.42 12.12 -10.47
CA GLU A 134 10.98 11.65 -9.12
C GLU A 134 12.03 12.08 -8.07
N VAL A 135 13.32 12.04 -8.42
CA VAL A 135 14.37 12.52 -7.55
C VAL A 135 14.23 14.06 -7.33
N GLU A 136 14.05 14.84 -8.41
CA GLU A 136 13.80 16.30 -8.21
C GLU A 136 12.66 16.55 -7.27
N GLY A 137 11.55 15.82 -7.42
CA GLY A 137 10.38 16.01 -6.54
C GLY A 137 10.70 15.63 -5.10
N THR A 138 11.41 14.48 -4.92
CA THR A 138 11.66 14.06 -3.55
C THR A 138 12.71 14.95 -2.83
N MET A 139 13.80 15.26 -3.51
CA MET A 139 14.89 16.10 -2.90
C MET A 139 14.20 17.42 -2.60
N GLY A 140 13.23 17.77 -3.46
CA GLY A 140 12.52 19.02 -3.36
C GLY A 140 11.53 19.14 -2.20
N GLN A 141 11.37 18.09 -1.36
CA GLN A 141 10.56 18.21 -0.13
C GLN A 141 11.45 18.67 1.05
N TYR A 142 12.75 18.81 0.86
CA TYR A 142 13.62 19.14 2.00
C TYR A 142 13.98 20.59 1.88
N SER A 143 13.88 21.38 2.94
CA SER A 143 14.24 22.79 2.80
C SER A 143 14.94 23.41 4.00
N ASN A 144 15.12 22.65 5.07
CA ASN A 144 15.75 23.18 6.29
C ASN A 144 17.28 23.31 6.16
N PRO A 145 17.80 24.59 6.14
CA PRO A 145 19.26 24.87 6.00
C PRO A 145 20.14 24.29 7.14
N GLU A 146 19.55 24.05 8.30
CA GLU A 146 20.28 23.51 9.47
C GLU A 146 20.71 22.09 9.14
N GLY A 147 19.85 21.41 8.37
CA GLY A 147 20.03 19.99 8.09
C GLY A 147 20.72 19.77 6.76
N GLY A 148 20.23 18.88 5.90
CA GLY A 148 20.88 18.72 4.62
C GLY A 148 20.16 17.57 3.91
N MET A 149 20.24 17.52 2.58
CA MET A 149 19.61 16.43 1.80
C MET A 149 20.60 16.03 0.73
N TYR A 150 21.01 14.77 0.67
CA TYR A 150 22.12 14.42 -0.18
C TYR A 150 21.68 13.32 -1.13
N LEU A 151 22.17 13.31 -2.37
CA LEU A 151 21.78 12.25 -3.30
C LEU A 151 22.93 11.30 -3.50
N VAL A 152 22.74 9.99 -3.34
CA VAL A 152 23.79 9.05 -3.74
C VAL A 152 23.21 8.04 -4.77
N GLU A 153 24.04 7.63 -5.73
CA GLU A 153 23.60 6.73 -6.78
C GLU A 153 24.21 5.34 -6.61
N SER A 154 25.36 5.22 -5.98
CA SER A 154 26.16 4.02 -6.00
C SER A 154 26.90 3.89 -4.64
N PRO A 155 27.50 2.67 -4.34
CA PRO A 155 28.43 2.63 -3.19
C PRO A 155 29.52 3.68 -3.30
N ASP A 156 30.09 3.93 -4.47
CA ASP A 156 31.24 4.93 -4.43
C ASP A 156 30.77 6.27 -3.96
N ASP A 157 29.54 6.60 -4.30
CA ASP A 157 29.01 7.91 -3.87
C ASP A 157 28.88 7.91 -2.36
N VAL A 158 28.51 6.76 -1.77
CA VAL A 158 28.40 6.71 -0.30
C VAL A 158 29.83 6.93 0.32
N TRP A 159 30.82 6.25 -0.27
CA TRP A 159 32.21 6.28 0.21
C TRP A 159 32.74 7.69 0.21
N LYS A 160 32.21 8.58 -0.63
CA LYS A 160 32.70 9.95 -0.59
C LYS A 160 31.89 10.96 0.18
N LEU A 161 30.71 10.60 0.66
CA LEU A 161 29.84 11.57 1.29
C LEU A 161 30.28 11.90 2.70
N THR A 162 30.24 13.17 3.05
CA THR A 162 30.44 13.46 4.46
C THR A 162 29.18 14.27 4.85
N VAL A 163 28.69 14.06 6.08
CA VAL A 163 27.48 14.78 6.55
C VAL A 163 27.80 15.51 7.86
N LYS A 164 26.93 16.43 8.23
CA LYS A 164 27.17 17.22 9.46
C LYS A 164 27.00 16.50 10.75
N ASN A 165 26.01 15.62 10.84
CA ASN A 165 25.71 14.91 12.07
C ASN A 165 25.28 13.48 11.77
N GLU A 166 26.27 12.60 11.64
CA GLU A 166 25.92 11.22 11.26
C GLU A 166 25.13 10.48 12.38
N GLU A 167 24.94 11.11 13.52
CA GLU A 167 24.11 10.52 14.57
C GLU A 167 22.61 10.74 14.33
N LYS A 168 22.26 11.75 13.56
CA LYS A 168 20.86 12.00 13.24
C LYS A 168 20.73 11.98 11.72
N LEU A 169 20.59 10.78 11.17
CA LEU A 169 20.67 10.62 9.73
C LEU A 169 19.63 9.59 9.29
N SER A 170 18.91 9.91 8.20
CA SER A 170 18.05 8.87 7.63
C SER A 170 18.22 8.75 6.10
N PHE A 171 17.65 7.67 5.57
CA PHE A 171 17.72 7.46 4.13
C PHE A 171 16.35 7.13 3.54
N MET A 172 16.23 7.46 2.23
CA MET A 172 14.99 7.14 1.46
C MET A 172 15.43 6.71 0.10
N THR A 173 14.53 6.10 -0.68
CA THR A 173 14.92 5.71 -2.02
C THR A 173 13.87 6.16 -3.06
N GLN A 174 14.35 6.26 -4.30
CA GLN A 174 13.48 6.27 -5.49
C GLN A 174 12.71 4.99 -5.55
N THR A 175 11.51 5.06 -6.15
CA THR A 175 10.59 3.86 -6.10
C THR A 175 10.83 2.89 -7.23
N THR A 176 11.60 3.31 -8.26
CA THR A 176 11.75 2.48 -9.47
C THR A 176 13.18 1.97 -9.69
N LEU A 177 13.94 1.86 -8.66
CA LEU A 177 15.36 1.42 -8.77
C LEU A 177 15.49 -0.11 -8.99
N SER A 178 16.70 -0.52 -9.40
CA SER A 178 17.13 -1.93 -9.21
C SER A 178 17.15 -2.38 -7.78
N VAL A 179 16.33 -3.38 -7.48
CA VAL A 179 16.33 -3.96 -6.12
C VAL A 179 17.77 -4.39 -5.73
N ASP A 180 18.44 -5.10 -6.62
CA ASP A 180 19.80 -5.62 -6.28
C ASP A 180 20.83 -4.48 -6.12
N ASP A 181 20.88 -3.51 -7.03
CA ASP A 181 21.86 -2.41 -6.86
C ASP A 181 21.55 -1.57 -5.60
N THR A 182 20.26 -1.42 -5.25
CA THR A 182 19.94 -0.54 -4.15
C THR A 182 20.39 -1.26 -2.91
N SER A 183 20.29 -2.60 -2.89
CA SER A 183 20.70 -3.40 -1.73
C SER A 183 22.18 -3.11 -1.44
N ASP A 184 23.00 -3.02 -2.48
CA ASP A 184 24.44 -2.75 -2.30
C ASP A 184 24.67 -1.31 -1.75
N VAL A 185 23.87 -0.33 -2.20
CA VAL A 185 24.02 1.02 -1.71
C VAL A 185 23.65 1.11 -0.22
N ILE A 186 22.57 0.44 0.18
CA ILE A 186 22.18 0.43 1.57
C ILE A 186 23.27 -0.25 2.43
N ASP A 187 23.84 -1.34 1.94
CA ASP A 187 24.89 -2.03 2.77
C ASP A 187 26.03 -1.04 2.99
N ALA A 188 26.36 -0.23 1.94
CA ALA A 188 27.44 0.78 2.07
C ALA A 188 27.03 1.83 3.08
N LEU A 189 25.81 2.37 2.95
CA LEU A 189 25.32 3.41 3.89
C LEU A 189 25.45 2.92 5.37
N ARG A 190 25.08 1.66 5.61
CA ARG A 190 25.07 1.13 7.03
C ARG A 190 26.47 0.91 7.51
N LYS A 191 27.39 0.61 6.60
CA LYS A 191 28.83 0.40 7.03
C LYS A 191 29.48 1.75 7.31
N ARG A 192 29.15 2.75 6.50
CA ARG A 192 29.74 4.10 6.71
C ARG A 192 29.03 4.87 7.84
N PHE A 193 27.72 4.71 7.92
CA PHE A 193 26.92 5.49 8.90
C PHE A 193 26.09 4.54 9.82
N PRO A 194 26.73 3.93 10.83
CA PRO A 194 26.12 2.80 11.51
C PRO A 194 24.79 3.21 12.17
N LYS A 195 24.60 4.49 12.53
CA LYS A 195 23.33 4.94 13.18
C LYS A 195 22.22 5.37 12.20
N ILE A 196 22.44 5.19 10.91
CA ILE A 196 21.45 5.66 9.90
C ILE A 196 20.14 4.89 10.04
N VAL A 197 19.04 5.62 9.90
CA VAL A 197 17.70 5.07 10.02
C VAL A 197 16.99 5.01 8.67
N GLY A 198 16.30 3.93 8.37
CA GLY A 198 15.51 3.91 7.10
C GLY A 198 14.32 3.02 7.26
N PRO A 199 13.66 2.71 6.12
CA PRO A 199 12.56 1.75 6.15
C PRO A 199 13.18 0.34 6.39
N ARG A 200 12.38 -0.71 6.48
CA ARG A 200 12.95 -2.01 6.74
C ARG A 200 13.91 -2.42 5.63
N LYS A 201 13.59 -2.06 4.41
CA LYS A 201 14.38 -2.52 3.24
C LYS A 201 14.65 -1.23 2.42
N ASP A 202 13.68 -0.80 1.65
CA ASP A 202 13.86 0.41 0.83
C ASP A 202 12.50 0.94 0.48
N ASP A 203 12.45 1.97 -0.36
CA ASP A 203 11.15 2.54 -0.79
C ASP A 203 10.82 2.14 -2.22
N ILE A 204 11.48 1.06 -2.67
CA ILE A 204 11.16 0.53 -4.05
C ILE A 204 9.76 -0.03 -3.93
N CYS A 205 8.88 0.32 -4.91
CA CYS A 205 7.48 -0.09 -4.78
C CYS A 205 7.21 -1.53 -5.19
N TYR A 206 6.00 -2.00 -4.86
CA TYR A 206 5.61 -3.41 -5.17
C TYR A 206 5.74 -3.67 -6.65
N ALA A 207 5.39 -2.70 -7.50
CA ALA A 207 5.30 -2.98 -8.93
C ALA A 207 6.72 -3.14 -9.45
N THR A 208 7.69 -2.32 -8.98
CA THR A 208 9.09 -2.39 -9.49
C THR A 208 9.65 -3.70 -9.00
N THR A 209 9.45 -4.03 -7.76
CA THR A 209 9.94 -5.33 -7.18
C THR A 209 9.37 -6.53 -7.95
N ASN A 210 8.08 -6.46 -8.21
CA ASN A 210 7.38 -7.58 -8.89
C ASN A 210 7.82 -7.71 -10.32
N ARG A 211 8.04 -6.58 -11.01
CA ARG A 211 8.40 -6.72 -12.44
C ARG A 211 9.81 -7.21 -12.59
N GLN A 212 10.68 -6.84 -11.65
CA GLN A 212 12.05 -7.34 -11.66
C GLN A 212 12.08 -8.85 -11.36
N GLU A 213 11.30 -9.28 -10.39
CA GLU A 213 11.24 -10.73 -10.08
C GLU A 213 10.72 -11.46 -11.32
N ALA A 214 9.71 -10.90 -12.01
CA ALA A 214 9.09 -11.59 -13.16
C ALA A 214 10.06 -11.65 -14.32
N VAL A 215 10.83 -10.57 -14.55
CA VAL A 215 11.81 -10.63 -15.62
C VAL A 215 12.96 -11.61 -15.32
N ARG A 216 13.36 -11.78 -14.07
CA ARG A 216 14.39 -12.75 -13.69
C ARG A 216 13.88 -14.14 -14.07
N ALA A 217 12.62 -14.36 -13.82
CA ALA A 217 12.04 -15.73 -14.10
C ALA A 217 11.99 -15.95 -15.64
N LEU A 218 11.57 -14.88 -16.34
CA LEU A 218 11.47 -14.89 -17.80
C LEU A 218 12.84 -15.16 -18.40
N ALA A 219 13.88 -14.45 -17.91
CA ALA A 219 15.19 -14.54 -18.58
C ALA A 219 15.82 -15.87 -18.24
N GLU A 220 15.34 -16.56 -17.22
CA GLU A 220 15.93 -17.87 -17.00
C GLU A 220 15.62 -18.78 -18.18
N GLN A 221 14.42 -18.61 -18.75
CA GLN A 221 13.92 -19.49 -19.83
C GLN A 221 14.26 -18.97 -21.22
N ALA A 222 14.15 -17.66 -21.38
CA ALA A 222 14.30 -17.02 -22.73
C ALA A 222 15.72 -16.68 -23.09
N GLU A 223 16.07 -16.80 -24.38
CA GLU A 223 17.41 -16.40 -24.87
C GLU A 223 17.45 -14.89 -25.15
N VAL A 224 16.29 -14.32 -25.47
CA VAL A 224 16.22 -12.91 -25.85
C VAL A 224 15.01 -12.38 -25.12
N VAL A 225 15.09 -11.15 -24.53
CA VAL A 225 13.95 -10.58 -23.80
C VAL A 225 13.65 -9.20 -24.46
N LEU A 226 12.41 -8.96 -24.78
CA LEU A 226 12.04 -7.62 -25.27
C LEU A 226 11.29 -6.94 -24.13
N VAL A 227 11.68 -5.72 -23.78
CA VAL A 227 10.96 -4.97 -22.79
C VAL A 227 10.26 -3.83 -23.42
N VAL A 228 8.94 -3.85 -23.36
CA VAL A 228 8.20 -2.71 -23.97
C VAL A 228 8.21 -1.54 -22.98
N GLY A 229 8.73 -0.41 -23.47
CA GLY A 229 8.78 0.76 -22.61
C GLY A 229 9.60 1.81 -23.35
N SER A 230 9.37 3.06 -23.01
CA SER A 230 10.06 4.18 -23.64
C SER A 230 11.49 4.37 -23.07
N LYS A 231 12.37 5.06 -23.82
CA LYS A 231 13.78 5.21 -23.43
C LYS A 231 13.96 5.97 -22.16
N ASN A 232 13.00 6.86 -21.82
CA ASN A 232 13.11 7.63 -20.58
C ASN A 232 12.36 7.02 -19.44
N SER A 233 11.90 5.78 -19.63
CA SER A 233 11.29 5.05 -18.49
C SER A 233 12.36 4.37 -17.66
N SER A 234 12.61 4.85 -16.44
CA SER A 234 13.63 4.25 -15.60
C SER A 234 13.33 2.78 -15.29
N ASN A 235 12.10 2.53 -14.83
CA ASN A 235 11.82 1.17 -14.37
C ASN A 235 11.91 0.22 -15.56
N SER A 236 11.59 0.68 -16.76
CA SER A 236 11.60 -0.24 -17.92
C SER A 236 13.07 -0.56 -18.21
N ASN A 237 13.94 0.46 -18.09
CA ASN A 237 15.43 0.25 -18.33
C ASN A 237 15.97 -0.74 -17.29
N ARG A 238 15.47 -0.71 -16.06
CA ARG A 238 15.94 -1.73 -15.08
C ARG A 238 15.58 -3.13 -15.47
N LEU A 239 14.47 -3.31 -16.15
CA LEU A 239 14.09 -4.71 -16.51
C LEU A 239 15.01 -5.19 -17.62
N ALA A 240 15.32 -4.34 -18.60
CA ALA A 240 16.23 -4.75 -19.65
C ALA A 240 17.63 -5.02 -19.07
N GLU A 241 18.11 -4.10 -18.21
CA GLU A 241 19.40 -4.28 -17.60
C GLU A 241 19.48 -5.58 -16.82
N LEU A 242 18.43 -5.94 -16.07
CA LEU A 242 18.41 -7.17 -15.33
C LEU A 242 18.64 -8.41 -16.19
N ALA A 243 17.90 -8.49 -17.28
CA ALA A 243 18.06 -9.61 -18.24
C ALA A 243 19.45 -9.62 -18.88
N GLN A 244 19.98 -8.43 -19.21
CA GLN A 244 21.31 -8.32 -19.82
C GLN A 244 22.42 -8.82 -18.88
N ARG A 245 22.29 -8.51 -17.58
CA ARG A 245 23.23 -8.98 -16.59
C ARG A 245 23.15 -10.52 -16.36
N MET A 246 22.01 -11.13 -16.68
CA MET A 246 21.89 -12.55 -16.74
C MET A 246 22.45 -13.16 -18.01
N GLY A 247 23.02 -12.36 -18.92
CA GLY A 247 23.66 -12.85 -20.13
C GLY A 247 22.73 -13.01 -21.29
N LYS A 248 21.52 -12.47 -21.20
CA LYS A 248 20.59 -12.61 -22.34
C LYS A 248 20.67 -11.31 -23.15
N ARG A 249 20.35 -11.35 -24.42
CA ARG A 249 20.26 -10.14 -25.18
C ARG A 249 18.90 -9.57 -24.75
N ALA A 250 18.85 -8.26 -24.52
CA ALA A 250 17.58 -7.68 -24.11
C ALA A 250 17.44 -6.31 -24.70
N PHE A 251 16.24 -5.97 -25.20
CA PHE A 251 16.07 -4.74 -25.93
C PHE A 251 14.88 -3.98 -25.34
N LEU A 252 15.05 -2.68 -25.18
CA LEU A 252 13.97 -1.81 -24.76
C LEU A 252 13.36 -1.20 -26.03
N ILE A 253 12.04 -1.44 -26.23
CA ILE A 253 11.37 -1.04 -27.48
C ILE A 253 10.07 -0.34 -27.20
N ASP A 254 9.76 0.67 -28.00
CA ASP A 254 8.49 1.35 -27.80
C ASP A 254 7.32 0.64 -28.37
N ASP A 255 7.57 -0.03 -29.49
CA ASP A 255 6.53 -0.78 -30.20
C ASP A 255 7.08 -1.79 -31.20
N ALA A 256 6.18 -2.48 -31.85
CA ALA A 256 6.57 -3.65 -32.60
C ALA A 256 7.46 -3.31 -33.82
N LYS A 257 7.32 -2.07 -34.34
CA LYS A 257 8.15 -1.54 -35.44
C LYS A 257 9.64 -1.60 -35.11
N ASP A 258 10.01 -1.52 -33.85
CA ASP A 258 11.37 -1.44 -33.37
C ASP A 258 12.04 -2.82 -33.40
N ILE A 259 11.27 -3.91 -33.53
CA ILE A 259 11.89 -5.26 -33.53
C ILE A 259 12.71 -5.45 -34.84
N GLN A 260 14.00 -5.73 -34.70
CA GLN A 260 14.85 -6.10 -35.82
C GLN A 260 14.85 -7.65 -35.96
N GLU A 261 14.64 -8.16 -37.17
CA GLU A 261 14.50 -9.60 -37.29
C GLU A 261 15.77 -10.37 -36.82
N GLU A 262 16.96 -9.77 -36.93
CA GLU A 262 18.19 -10.40 -36.52
C GLU A 262 18.14 -10.71 -35.01
N TRP A 263 17.34 -9.96 -34.25
CA TRP A 263 17.36 -10.17 -32.83
C TRP A 263 16.76 -11.50 -32.45
N VAL A 264 15.89 -12.02 -33.31
CA VAL A 264 15.16 -13.29 -32.99
C VAL A 264 15.37 -14.38 -34.05
N LYS A 265 16.14 -14.12 -35.09
CA LYS A 265 16.44 -15.20 -36.07
C LYS A 265 17.08 -16.44 -35.39
N GLU A 266 16.44 -17.58 -35.55
CA GLU A 266 16.93 -18.83 -34.98
C GLU A 266 17.01 -18.82 -33.46
N VAL A 267 16.18 -17.98 -32.83
CA VAL A 267 16.07 -18.05 -31.39
C VAL A 267 14.94 -18.96 -31.09
N LYS A 268 15.15 -19.89 -30.19
CA LYS A 268 14.09 -20.86 -29.85
C LYS A 268 13.08 -20.32 -28.80
N CYS A 269 13.51 -19.40 -27.91
CA CYS A 269 12.59 -18.90 -26.90
C CYS A 269 12.82 -17.42 -26.75
N VAL A 270 11.77 -16.63 -27.01
CA VAL A 270 11.85 -15.14 -26.84
C VAL A 270 10.88 -14.73 -25.75
N GLY A 271 11.31 -13.83 -24.84
CA GLY A 271 10.44 -13.43 -23.75
C GLY A 271 10.00 -12.00 -23.96
N VAL A 272 8.82 -11.65 -23.48
CA VAL A 272 8.35 -10.21 -23.62
C VAL A 272 7.85 -9.79 -22.27
N THR A 273 8.29 -8.61 -21.89
CA THR A 273 7.73 -8.00 -20.68
C THR A 273 7.42 -6.52 -21.04
N ALA A 274 6.91 -5.77 -20.06
CA ALA A 274 6.52 -4.40 -20.25
C ALA A 274 6.76 -3.71 -18.93
N GLY A 275 7.28 -2.51 -19.04
CA GLY A 275 7.49 -1.64 -17.87
C GLY A 275 6.14 -1.15 -17.30
N ALA A 276 6.21 -0.43 -16.18
CA ALA A 276 4.99 -0.05 -15.40
C ALA A 276 4.20 1.05 -16.13
N SER A 277 4.83 1.69 -17.12
CA SER A 277 4.06 2.79 -17.85
C SER A 277 3.61 2.36 -19.27
N ALA A 278 3.79 1.09 -19.63
CA ALA A 278 3.51 0.61 -21.04
C ALA A 278 2.14 -0.08 -21.14
N PRO A 279 1.23 0.39 -22.01
CA PRO A 279 -0.13 -0.23 -22.17
C PRO A 279 -0.07 -1.58 -22.82
N ASP A 280 -1.02 -2.39 -22.44
CA ASP A 280 -1.06 -3.77 -22.91
C ASP A 280 -1.21 -3.89 -24.42
N ILE A 281 -1.89 -2.91 -25.05
CA ILE A 281 -1.97 -2.99 -26.49
C ILE A 281 -0.58 -3.07 -27.19
N LEU A 282 0.43 -2.43 -26.60
CA LEU A 282 1.74 -2.45 -27.25
C LEU A 282 2.32 -3.87 -27.16
N VAL A 283 2.11 -4.55 -26.01
CA VAL A 283 2.55 -5.92 -25.83
C VAL A 283 1.82 -6.79 -26.86
N GLN A 284 0.51 -6.59 -27.04
CA GLN A 284 -0.26 -7.43 -28.04
C GLN A 284 0.33 -7.24 -29.40
N ASN A 285 0.70 -5.99 -29.77
CA ASN A 285 1.30 -5.81 -31.11
C ASN A 285 2.65 -6.37 -31.29
N VAL A 286 3.38 -6.44 -30.19
CA VAL A 286 4.72 -7.04 -30.20
C VAL A 286 4.55 -8.54 -30.41
N VAL A 287 3.62 -9.14 -29.68
CA VAL A 287 3.38 -10.54 -29.81
C VAL A 287 2.95 -10.83 -31.24
N ALA A 288 2.12 -9.95 -31.83
CA ALA A 288 1.71 -10.23 -33.20
C ALA A 288 2.90 -10.23 -34.19
N ARG A 289 3.84 -9.29 -34.03
CA ARG A 289 5.03 -9.22 -34.88
C ARG A 289 5.92 -10.45 -34.63
N LEU A 290 6.14 -10.85 -33.37
CA LEU A 290 6.92 -12.13 -33.15
C LEU A 290 6.29 -13.36 -33.88
N GLN A 291 4.95 -13.40 -33.93
CA GLN A 291 4.24 -14.43 -34.65
C GLN A 291 4.55 -14.32 -36.13
N GLN A 292 4.60 -13.10 -36.68
CA GLN A 292 4.98 -12.91 -38.08
C GLN A 292 6.37 -13.45 -38.35
N LEU A 293 7.21 -13.29 -37.36
CA LEU A 293 8.59 -13.83 -37.43
C LEU A 293 8.73 -15.25 -36.95
N GLY A 294 7.65 -16.04 -36.83
CA GLY A 294 7.80 -17.47 -36.55
C GLY A 294 7.30 -18.00 -35.24
N GLY A 295 7.03 -17.12 -34.29
CA GLY A 295 6.61 -17.58 -33.00
C GLY A 295 5.19 -18.11 -32.97
N GLY A 296 4.95 -18.96 -31.97
CA GLY A 296 3.64 -19.58 -31.75
C GLY A 296 2.76 -18.83 -30.78
N GLU A 297 1.78 -19.51 -30.19
CA GLU A 297 0.91 -18.85 -29.17
C GLU A 297 1.73 -18.33 -28.00
N ALA A 298 1.50 -17.09 -27.56
CA ALA A 298 2.21 -16.57 -26.41
C ALA A 298 1.74 -17.27 -25.18
N ILE A 299 2.69 -17.63 -24.34
CA ILE A 299 2.44 -18.39 -23.11
C ILE A 299 2.74 -17.50 -21.90
N PRO A 300 1.74 -17.16 -21.09
CA PRO A 300 2.03 -16.42 -19.90
C PRO A 300 2.68 -17.26 -18.79
N LEU A 301 3.78 -16.75 -18.23
CA LEU A 301 4.38 -17.38 -17.06
C LEU A 301 3.50 -17.15 -15.82
N GLU A 302 3.53 -18.10 -14.88
CA GLU A 302 2.84 -17.98 -13.59
C GLU A 302 3.48 -16.89 -12.85
N GLY A 303 2.72 -16.04 -12.16
CA GLY A 303 3.42 -14.92 -11.55
C GLY A 303 2.73 -14.49 -10.31
N ARG A 304 3.43 -13.69 -9.51
CA ARG A 304 2.82 -13.15 -8.29
C ARG A 304 1.58 -12.31 -8.64
N GLU A 305 0.44 -12.54 -7.95
CA GLU A 305 -0.81 -11.82 -8.26
C GLU A 305 -0.72 -10.36 -7.72
N GLU A 306 -1.13 -9.35 -8.47
CA GLU A 306 -1.20 -8.00 -7.92
C GLU A 306 -2.65 -7.63 -7.73
N ASN A 307 -2.94 -6.94 -6.63
CA ASN A 307 -4.36 -6.62 -6.35
C ASN A 307 -4.54 -5.17 -5.96
N ILE A 308 -3.51 -4.34 -6.05
CA ILE A 308 -3.74 -2.97 -5.48
C ILE A 308 -4.25 -2.05 -6.58
N VAL A 309 -5.22 -1.17 -6.21
CA VAL A 309 -5.83 -0.21 -7.14
C VAL A 309 -5.81 1.10 -6.39
N PHE A 310 -5.43 2.18 -7.11
CA PHE A 310 -5.55 3.49 -6.47
C PHE A 310 -6.61 4.33 -7.19
N GLU A 311 -7.62 4.80 -6.45
CA GLU A 311 -8.82 5.51 -7.11
C GLU A 311 -8.45 6.91 -7.50
N VAL A 312 -9.14 7.41 -8.54
CA VAL A 312 -8.98 8.85 -8.87
C VAL A 312 -9.67 9.67 -7.80
N PRO A 313 -9.21 10.90 -7.61
CA PRO A 313 -9.88 11.73 -6.62
C PRO A 313 -11.35 12.02 -7.00
N LYS A 314 -12.18 12.22 -6.02
CA LYS A 314 -13.61 12.31 -6.29
C LYS A 314 -13.93 13.48 -7.19
N GLU A 315 -13.22 14.59 -7.04
CA GLU A 315 -13.40 15.74 -7.96
C GLU A 315 -13.21 15.38 -9.44
N LEU A 316 -12.76 14.15 -9.77
CA LEU A 316 -12.47 13.79 -11.14
C LEU A 316 -13.17 12.53 -11.56
N ARG A 317 -14.15 12.11 -10.74
CA ARG A 317 -15.01 10.98 -11.20
C ARG A 317 -15.89 11.39 -12.38
N MET B 9 -30.77 18.90 17.65
CA MET B 9 -29.52 18.05 17.78
C MET B 9 -28.76 17.98 16.46
N GLN B 10 -27.47 18.32 16.45
CA GLN B 10 -26.74 18.31 15.22
C GLN B 10 -26.08 16.93 15.18
N ILE B 11 -26.18 16.27 14.05
CA ILE B 11 -25.49 14.92 13.92
C ILE B 11 -24.28 15.13 12.98
N LEU B 12 -23.11 14.66 13.45
CA LEU B 12 -21.88 14.89 12.71
C LEU B 12 -21.39 13.50 12.39
N LEU B 13 -20.90 13.32 11.16
CA LEU B 13 -20.28 12.04 10.75
C LEU B 13 -18.81 12.17 10.54
N ALA B 14 -18.04 11.23 11.09
CA ALA B 14 -16.59 11.29 10.97
C ALA B 14 -16.21 10.80 9.54
N ASN B 15 -15.10 11.31 9.08
CA ASN B 15 -14.64 10.94 7.75
C ASN B 15 -13.11 10.91 7.80
N PRO B 16 -12.50 9.77 7.43
CA PRO B 16 -13.13 8.52 7.05
C PRO B 16 -13.73 7.71 8.19
N ARG B 17 -14.64 6.78 7.85
CA ARG B 17 -15.24 5.86 8.84
C ARG B 17 -15.56 4.58 8.07
N GLY B 18 -15.82 3.48 8.78
CA GLY B 18 -16.40 2.29 8.13
C GLY B 18 -15.36 1.53 7.35
N PHE B 19 -15.80 0.78 6.35
CA PHE B 19 -14.95 -0.23 5.70
C PHE B 19 -13.65 0.32 5.19
N CYS B 20 -12.60 -0.44 5.54
CA CYS B 20 -11.30 -0.22 4.90
C CYS B 20 -11.18 -1.13 3.68
N ALA B 21 -10.01 -1.04 3.04
CA ALA B 21 -9.79 -1.81 1.83
C ALA B 21 -9.72 -3.30 2.07
N GLY B 22 -9.06 -3.70 3.17
CA GLY B 22 -8.91 -5.16 3.45
C GLY B 22 -10.27 -5.82 3.76
N VAL B 23 -11.10 -5.08 4.49
CA VAL B 23 -12.41 -5.63 4.88
C VAL B 23 -13.30 -5.70 3.68
N ASP B 24 -13.30 -4.69 2.80
CA ASP B 24 -14.20 -4.74 1.63
C ASP B 24 -13.80 -5.89 0.72
N ARG B 25 -12.48 -6.13 0.63
CA ARG B 25 -12.02 -7.29 -0.15
C ARG B 25 -12.44 -8.60 0.51
N ALA B 26 -12.25 -8.73 1.80
CA ALA B 26 -12.51 -10.04 2.52
C ALA B 26 -13.95 -10.38 2.40
N ILE B 27 -14.85 -9.40 2.60
CA ILE B 27 -16.32 -9.70 2.52
C ILE B 27 -16.69 -10.08 1.08
N SER B 28 -16.09 -9.40 0.12
CA SER B 28 -16.38 -9.73 -1.27
C SER B 28 -15.88 -11.13 -1.62
N ILE B 29 -14.75 -11.56 -1.05
CA ILE B 29 -14.27 -12.93 -1.27
C ILE B 29 -15.32 -13.92 -0.84
N VAL B 30 -15.88 -13.75 0.37
CA VAL B 30 -16.90 -14.70 0.86
C VAL B 30 -18.17 -14.62 -0.01
N GLU B 31 -18.69 -13.40 -0.22
CA GLU B 31 -19.92 -13.22 -1.02
C GLU B 31 -19.74 -13.84 -2.42
N ASN B 32 -18.63 -13.57 -3.11
CA ASN B 32 -18.40 -14.09 -4.47
C ASN B 32 -18.19 -15.54 -4.52
N ALA B 33 -17.49 -16.08 -3.53
CA ALA B 33 -17.41 -17.53 -3.47
C ALA B 33 -18.80 -18.14 -3.31
N LEU B 34 -19.65 -17.56 -2.49
CA LEU B 34 -21.00 -18.12 -2.40
C LEU B 34 -21.76 -18.00 -3.70
N ALA B 35 -21.67 -16.84 -4.35
CA ALA B 35 -22.27 -16.61 -5.69
C ALA B 35 -21.76 -17.54 -6.77
N ILE B 36 -20.47 -17.84 -6.81
CA ILE B 36 -19.88 -18.64 -7.85
C ILE B 36 -20.09 -20.16 -7.58
N TYR B 37 -19.86 -20.58 -6.35
CA TYR B 37 -19.81 -22.02 -6.05
C TYR B 37 -21.02 -22.50 -5.28
N GLY B 38 -21.84 -21.59 -4.74
CA GLY B 38 -22.96 -21.92 -3.89
C GLY B 38 -22.64 -22.30 -2.47
N ALA B 39 -23.66 -22.41 -1.61
CA ALA B 39 -23.45 -22.81 -0.23
C ALA B 39 -23.24 -24.33 -0.13
N PRO B 40 -22.44 -24.80 0.82
CA PRO B 40 -21.79 -24.02 1.88
C PRO B 40 -20.43 -23.54 1.42
N ILE B 41 -19.98 -22.44 1.99
CA ILE B 41 -18.56 -22.04 1.90
C ILE B 41 -18.07 -21.97 3.35
N TYR B 42 -16.93 -22.59 3.69
CA TYR B 42 -16.44 -22.64 5.12
C TYR B 42 -15.51 -21.47 5.31
N VAL B 43 -15.65 -20.78 6.45
CA VAL B 43 -14.75 -19.66 6.77
C VAL B 43 -14.13 -19.89 8.14
N ARG B 44 -12.81 -19.81 8.16
CA ARG B 44 -12.07 -20.02 9.41
C ARG B 44 -12.06 -18.77 10.23
N HIS B 45 -12.87 -18.80 11.28
CA HIS B 45 -13.11 -17.68 12.22
C HIS B 45 -13.91 -16.57 11.54
N GLU B 46 -14.44 -15.65 12.35
CA GLU B 46 -15.17 -14.55 11.75
C GLU B 46 -14.35 -13.83 10.64
N VAL B 47 -14.99 -13.63 9.48
CA VAL B 47 -14.18 -13.09 8.38
C VAL B 47 -13.71 -11.67 8.74
N VAL B 48 -14.59 -10.88 9.34
CA VAL B 48 -14.19 -9.64 10.06
C VAL B 48 -14.95 -9.63 11.35
N HIS B 49 -14.52 -8.81 12.28
CA HIS B 49 -15.21 -8.76 13.61
C HIS B 49 -16.37 -7.85 13.60
N ASN B 50 -17.40 -8.30 12.91
CA ASN B 50 -18.67 -7.55 12.91
C ASN B 50 -19.87 -8.53 12.89
N ARG B 51 -20.69 -8.44 13.93
CA ARG B 51 -21.80 -9.37 14.08
C ARG B 51 -22.77 -9.31 12.93
N TYR B 52 -23.11 -8.12 12.44
CA TYR B 52 -24.04 -7.98 11.31
C TYR B 52 -23.46 -8.67 10.03
N VAL B 53 -22.16 -8.41 9.69
CA VAL B 53 -21.58 -9.04 8.51
C VAL B 53 -21.57 -10.56 8.64
N VAL B 54 -21.17 -11.04 9.82
CA VAL B 54 -21.02 -12.49 10.01
C VAL B 54 -22.42 -13.13 9.92
N ASP B 55 -23.39 -12.54 10.64
CA ASP B 55 -24.80 -13.03 10.58
C ASP B 55 -25.37 -13.03 9.18
N SER B 56 -25.13 -11.97 8.42
CA SER B 56 -25.51 -11.91 7.02
C SER B 56 -24.92 -13.04 6.16
N LEU B 57 -23.61 -13.31 6.31
CA LEU B 57 -22.98 -14.28 5.46
C LEU B 57 -23.47 -15.67 5.92
N ARG B 58 -23.69 -15.85 7.22
CA ARG B 58 -24.24 -17.12 7.71
C ARG B 58 -25.62 -17.41 7.06
N GLU B 59 -26.46 -16.37 6.95
CA GLU B 59 -27.82 -16.51 6.45
C GLU B 59 -27.78 -16.88 4.95
N ARG B 60 -26.66 -16.55 4.25
CA ARG B 60 -26.49 -16.86 2.84
C ARG B 60 -25.74 -18.14 2.67
N GLY B 61 -25.39 -18.82 3.75
CA GLY B 61 -24.82 -20.16 3.52
C GLY B 61 -23.38 -20.32 3.94
N ALA B 62 -22.70 -19.23 4.37
CA ALA B 62 -21.33 -19.42 4.92
C ALA B 62 -21.36 -20.13 6.29
N ILE B 63 -20.44 -21.03 6.54
CA ILE B 63 -20.40 -21.75 7.77
C ILE B 63 -19.06 -21.35 8.43
N PHE B 64 -19.11 -20.72 9.58
CA PHE B 64 -17.93 -20.23 10.25
C PHE B 64 -17.42 -21.34 11.18
N ILE B 65 -16.16 -21.75 11.04
CA ILE B 65 -15.61 -22.88 11.88
C ILE B 65 -14.41 -22.39 12.64
N GLU B 66 -13.96 -23.16 13.65
CA GLU B 66 -12.84 -22.73 14.45
C GLU B 66 -11.56 -23.45 14.06
N GLN B 67 -11.66 -24.73 13.66
CA GLN B 67 -10.44 -25.45 13.18
C GLN B 67 -10.69 -26.03 11.83
N ILE B 68 -9.62 -26.10 11.03
CA ILE B 68 -9.68 -26.68 9.69
C ILE B 68 -10.18 -28.12 9.67
N SER B 69 -9.92 -28.81 10.76
CA SER B 69 -10.27 -30.25 10.83
C SER B 69 -11.83 -30.39 10.80
N GLU B 70 -12.57 -29.30 11.04
CA GLU B 70 -14.04 -29.32 10.98
C GLU B 70 -14.58 -29.27 9.51
N VAL B 71 -13.72 -28.94 8.57
CA VAL B 71 -14.10 -28.75 7.16
C VAL B 71 -13.97 -30.03 6.43
N PRO B 72 -15.04 -30.45 5.74
CA PRO B 72 -15.00 -31.72 5.03
C PRO B 72 -14.09 -31.67 3.80
N ASP B 73 -13.48 -32.80 3.39
CA ASP B 73 -12.73 -32.80 2.10
C ASP B 73 -13.57 -32.35 0.90
N GLY B 74 -12.93 -31.75 -0.09
CA GLY B 74 -13.66 -31.31 -1.30
C GLY B 74 -14.31 -29.95 -1.15
N ALA B 75 -14.22 -29.35 0.04
CA ALA B 75 -14.85 -28.06 0.30
C ALA B 75 -14.00 -26.83 -0.11
N ILE B 76 -14.64 -25.66 -0.05
CA ILE B 76 -13.98 -24.34 -0.21
C ILE B 76 -13.82 -23.75 1.18
N LEU B 77 -12.60 -23.31 1.49
CA LEU B 77 -12.29 -22.74 2.81
C LEU B 77 -11.74 -21.32 2.61
N ILE B 78 -12.14 -20.35 3.43
CA ILE B 78 -11.65 -18.95 3.29
C ILE B 78 -10.93 -18.67 4.62
N PHE B 79 -9.71 -18.17 4.56
CA PHE B 79 -9.07 -17.61 5.75
C PHE B 79 -9.60 -16.21 6.03
N SER B 80 -9.77 -15.78 7.30
CA SER B 80 -10.32 -14.45 7.62
C SER B 80 -9.27 -13.37 7.33
N ALA B 81 -9.75 -12.14 7.29
CA ALA B 81 -8.92 -11.06 6.90
C ALA B 81 -7.73 -10.85 7.90
N HIS B 82 -7.91 -11.30 9.15
CA HIS B 82 -6.86 -11.13 10.21
C HIS B 82 -5.64 -11.94 9.97
N GLY B 83 -5.71 -12.94 9.08
CA GLY B 83 -4.51 -13.80 8.75
C GLY B 83 -4.40 -15.04 9.60
N VAL B 84 -3.45 -15.87 9.22
CA VAL B 84 -3.32 -17.19 9.90
C VAL B 84 -1.86 -17.50 10.03
N SER B 85 -1.57 -18.41 10.96
CA SER B 85 -0.21 -18.82 11.17
C SER B 85 0.26 -19.69 10.04
N GLN B 86 1.57 -19.86 9.92
CA GLN B 86 2.08 -20.81 8.95
C GLN B 86 1.52 -22.21 9.18
N ALA B 87 1.40 -22.58 10.47
CA ALA B 87 0.91 -23.90 10.78
C ALA B 87 -0.49 -24.10 10.22
N VAL B 88 -1.33 -23.10 10.31
CA VAL B 88 -2.67 -23.26 9.75
C VAL B 88 -2.60 -23.32 8.24
N ARG B 89 -1.76 -22.46 7.63
CA ARG B 89 -1.67 -22.45 6.21
C ARG B 89 -1.24 -23.80 5.69
N ASN B 90 -0.19 -24.32 6.31
CA ASN B 90 0.31 -25.60 5.81
C ASN B 90 -0.64 -26.75 5.99
N GLU B 91 -1.40 -26.76 7.08
CA GLU B 91 -2.37 -27.81 7.24
C GLU B 91 -3.44 -27.74 6.13
N ALA B 92 -3.95 -26.54 5.85
CA ALA B 92 -4.95 -26.38 4.79
C ALA B 92 -4.26 -26.83 3.44
N LYS B 93 -3.01 -26.46 3.22
CA LYS B 93 -2.28 -26.82 1.96
C LYS B 93 -2.25 -28.36 1.79
N SER B 94 -2.12 -29.08 2.89
CA SER B 94 -1.93 -30.52 2.81
C SER B 94 -3.30 -31.22 2.66
N ARG B 95 -4.40 -30.54 2.94
CA ARG B 95 -5.70 -31.15 2.82
C ARG B 95 -6.26 -31.05 1.39
N ASP B 96 -7.27 -31.84 1.11
CA ASP B 96 -7.94 -31.78 -0.19
C ASP B 96 -9.01 -30.67 -0.08
N LEU B 97 -8.60 -29.38 -0.09
CA LEU B 97 -9.51 -28.21 0.09
C LEU B 97 -9.14 -27.23 -0.95
N THR B 98 -10.11 -26.40 -1.41
CA THR B 98 -9.77 -25.23 -2.21
C THR B 98 -9.76 -24.05 -1.23
N VAL B 99 -8.60 -23.42 -1.16
CA VAL B 99 -8.37 -22.30 -0.22
C VAL B 99 -8.37 -20.93 -0.91
N PHE B 100 -9.14 -19.98 -0.37
CA PHE B 100 -9.00 -18.60 -0.78
C PHE B 100 -8.56 -17.84 0.43
N ASP B 101 -7.57 -16.99 0.27
CA ASP B 101 -7.00 -16.37 1.48
C ASP B 101 -7.46 -14.93 1.54
N ALA B 102 -8.31 -14.57 2.48
CA ALA B 102 -8.79 -13.18 2.55
C ALA B 102 -7.93 -12.34 3.48
N THR B 103 -6.76 -12.86 3.91
CA THR B 103 -5.87 -11.98 4.73
C THR B 103 -5.67 -10.66 4.07
N CYS B 104 -5.78 -9.61 4.85
CA CYS B 104 -5.48 -8.30 4.18
C CYS B 104 -4.04 -8.23 3.72
N PRO B 105 -3.74 -7.65 2.55
CA PRO B 105 -2.38 -7.46 2.09
C PRO B 105 -1.47 -6.76 3.10
N LEU B 106 -2.03 -5.85 3.88
CA LEU B 106 -1.26 -5.08 4.86
C LEU B 106 -0.87 -5.91 6.04
N VAL B 107 -1.61 -7.00 6.27
CA VAL B 107 -1.24 -7.95 7.32
C VAL B 107 -0.17 -8.91 6.73
N THR B 108 -0.44 -9.36 5.52
CA THR B 108 0.58 -10.22 4.79
C THR B 108 1.97 -9.54 4.79
N LYS B 109 2.01 -8.22 4.63
CA LYS B 109 3.32 -7.51 4.60
C LYS B 109 4.10 -7.67 5.93
N VAL B 110 3.40 -7.59 7.07
CA VAL B 110 4.03 -7.75 8.41
C VAL B 110 4.46 -9.24 8.58
N HIS B 111 3.62 -10.14 8.14
CA HIS B 111 3.94 -11.59 8.19
C HIS B 111 5.20 -11.86 7.47
N MET B 112 5.38 -11.31 6.29
CA MET B 112 6.64 -11.58 5.62
C MET B 112 7.87 -11.13 6.37
N GLU B 113 7.77 -10.03 7.13
CA GLU B 113 8.92 -9.52 7.82
C GLU B 113 9.24 -10.39 9.01
N VAL B 114 8.21 -10.98 9.60
CA VAL B 114 8.39 -11.90 10.72
C VAL B 114 9.10 -13.19 10.20
N ALA B 115 8.62 -13.73 9.08
CA ALA B 115 9.24 -14.91 8.41
C ALA B 115 10.71 -14.60 8.09
N ARG B 116 11.02 -13.39 7.63
CA ARG B 116 12.39 -13.05 7.32
C ARG B 116 13.31 -13.07 8.53
N ALA B 117 12.85 -12.51 9.66
CA ALA B 117 13.58 -12.58 10.92
C ALA B 117 13.79 -14.03 11.40
N SER B 118 12.79 -14.86 11.20
CA SER B 118 12.84 -16.23 11.66
C SER B 118 13.86 -16.98 10.78
N ARG B 119 13.88 -16.71 9.50
CA ARG B 119 14.97 -17.30 8.62
C ARG B 119 16.34 -16.92 9.13
N ARG B 120 16.52 -15.66 9.55
CA ARG B 120 17.81 -15.22 10.09
C ARG B 120 18.14 -15.66 11.50
N GLY B 121 17.20 -16.27 12.23
CA GLY B 121 17.44 -16.65 13.64
C GLY B 121 17.58 -15.44 14.55
N GLU B 122 17.01 -14.33 14.13
CA GLU B 122 17.13 -13.06 14.87
C GLU B 122 15.82 -12.83 15.60
N GLU B 123 15.91 -12.41 16.86
CA GLU B 123 14.64 -12.28 17.64
C GLU B 123 13.77 -11.12 17.19
N SER B 124 12.47 -11.29 17.39
CA SER B 124 11.51 -10.23 17.00
C SER B 124 10.54 -10.01 18.12
N ILE B 125 10.07 -8.76 18.21
CA ILE B 125 9.15 -8.36 19.25
C ILE B 125 7.92 -7.83 18.51
N LEU B 126 6.76 -8.36 18.84
CA LEU B 126 5.52 -7.85 18.29
C LEU B 126 4.83 -7.00 19.34
N ILE B 127 4.37 -5.79 18.98
CA ILE B 127 3.52 -4.97 19.86
C ILE B 127 2.07 -5.29 19.48
N GLY B 128 1.30 -5.79 20.47
CA GLY B 128 -0.03 -6.26 20.13
C GLY B 128 -0.75 -6.69 21.38
N HIS B 129 -1.96 -7.19 21.23
CA HIS B 129 -2.75 -7.67 22.40
C HIS B 129 -2.89 -9.19 22.42
N ALA B 130 -2.46 -9.84 23.52
CA ALA B 130 -2.55 -11.31 23.63
C ALA B 130 -3.91 -11.85 23.27
N GLY B 131 -3.97 -12.94 22.53
CA GLY B 131 -5.25 -13.52 22.17
C GLY B 131 -5.91 -13.12 20.88
N HIS B 132 -5.59 -11.94 20.35
CA HIS B 132 -6.18 -11.47 19.12
C HIS B 132 -5.72 -12.35 17.92
N PRO B 133 -6.64 -12.70 16.97
CA PRO B 133 -6.31 -13.58 15.88
C PRO B 133 -5.20 -13.00 15.04
N GLU B 134 -5.13 -11.67 14.94
CA GLU B 134 -4.05 -11.10 14.09
C GLU B 134 -2.71 -11.34 14.78
N VAL B 135 -2.67 -11.30 16.12
CA VAL B 135 -1.47 -11.64 16.90
C VAL B 135 -1.09 -13.12 16.76
N GLU B 136 -2.08 -14.03 16.88
CA GLU B 136 -1.77 -15.47 16.65
C GLU B 136 -1.19 -15.66 15.32
N GLY B 137 -1.83 -15.09 14.28
CA GLY B 137 -1.29 -15.34 12.93
C GLY B 137 0.10 -14.79 12.68
N THR B 138 0.40 -13.62 13.25
CA THR B 138 1.72 -12.94 13.05
C THR B 138 2.80 -13.63 13.91
N MET B 139 2.52 -13.89 15.19
CA MET B 139 3.48 -14.71 15.99
C MET B 139 3.76 -16.03 15.32
N GLY B 140 2.73 -16.56 14.66
CA GLY B 140 2.82 -17.80 13.93
C GLY B 140 3.56 -17.84 12.62
N GLN B 141 4.15 -16.72 12.22
CA GLN B 141 5.10 -16.72 11.11
C GLN B 141 6.52 -17.03 11.55
N TYR B 142 6.77 -17.03 12.86
CA TYR B 142 8.14 -17.21 13.39
C TYR B 142 8.35 -18.66 13.82
N SER B 143 9.41 -19.33 13.43
CA SER B 143 9.56 -20.70 13.96
C SER B 143 11.01 -21.12 14.19
N ASN B 144 11.96 -20.21 14.07
CA ASN B 144 13.36 -20.51 14.48
C ASN B 144 13.60 -20.61 15.97
N PRO B 145 13.93 -21.84 16.45
CA PRO B 145 14.24 -22.01 17.86
C PRO B 145 15.58 -21.31 18.25
N GLU B 146 16.48 -21.05 17.29
CA GLU B 146 17.68 -20.27 17.62
C GLU B 146 17.41 -18.83 17.98
N GLY B 147 16.31 -18.29 17.43
CA GLY B 147 15.85 -16.91 17.65
C GLY B 147 14.82 -16.86 18.75
N GLY B 148 13.75 -16.08 18.57
CA GLY B 148 12.66 -16.07 19.53
C GLY B 148 11.65 -15.02 19.06
N MET B 149 10.43 -15.09 19.54
CA MET B 149 9.37 -14.13 19.13
C MET B 149 8.61 -13.79 20.36
N TYR B 150 8.59 -12.53 20.76
CA TYR B 150 8.07 -12.11 22.04
C TYR B 150 6.95 -11.13 21.80
N LEU B 151 5.91 -11.14 22.64
CA LEU B 151 4.79 -10.20 22.58
C LEU B 151 4.88 -9.21 23.70
N VAL B 152 4.79 -7.92 23.39
CA VAL B 152 4.66 -6.86 24.42
C VAL B 152 3.40 -5.99 24.20
N GLU B 153 2.74 -5.59 25.26
CA GLU B 153 1.56 -4.76 25.09
C GLU B 153 1.71 -3.37 25.66
N SER B 154 2.67 -3.17 26.52
CA SER B 154 2.83 -1.89 27.25
C SER B 154 4.31 -1.58 27.44
N PRO B 155 4.64 -0.31 27.79
CA PRO B 155 6.03 -0.05 28.24
C PRO B 155 6.43 -0.98 29.36
N ASP B 156 5.54 -1.28 30.30
CA ASP B 156 5.97 -2.17 31.40
C ASP B 156 6.43 -3.53 30.94
N ASP B 157 5.73 -4.11 29.94
CA ASP B 157 6.14 -5.39 29.37
C ASP B 157 7.53 -5.24 28.73
N VAL B 158 7.82 -4.06 28.13
CA VAL B 158 9.16 -3.83 27.54
C VAL B 158 10.25 -3.84 28.64
N TRP B 159 9.93 -3.17 29.73
CA TRP B 159 10.92 -3.02 30.84
C TRP B 159 11.25 -4.36 31.46
N LYS B 160 10.30 -5.28 31.52
CA LYS B 160 10.47 -6.60 32.11
C LYS B 160 11.04 -7.66 31.12
N LEU B 161 11.12 -7.37 29.82
CA LEU B 161 11.46 -8.42 28.83
C LEU B 161 12.93 -8.88 28.85
N THR B 162 13.16 -10.18 28.75
CA THR B 162 14.50 -10.77 28.62
C THR B 162 14.63 -11.24 27.17
N VAL B 163 15.74 -10.86 26.47
CA VAL B 163 16.02 -11.30 25.11
C VAL B 163 17.37 -12.02 25.11
N LYS B 164 17.64 -12.87 24.13
CA LYS B 164 18.96 -13.56 24.11
C LYS B 164 20.07 -12.78 23.49
N ASN B 165 19.76 -11.99 22.47
CA ASN B 165 20.77 -11.19 21.84
C ASN B 165 20.24 -9.83 21.39
N GLU B 166 20.42 -8.82 22.22
CA GLU B 166 19.88 -7.48 21.99
C GLU B 166 20.48 -6.81 20.81
N GLU B 167 21.56 -7.36 20.29
CA GLU B 167 22.23 -6.71 19.19
C GLU B 167 21.57 -6.98 17.83
N LYS B 168 20.82 -8.07 17.76
CA LYS B 168 20.07 -8.53 16.59
C LYS B 168 18.57 -8.69 16.88
N LEU B 169 17.89 -7.55 16.84
CA LEU B 169 16.51 -7.51 17.35
C LEU B 169 15.71 -6.62 16.41
N SER B 170 14.52 -7.08 16.01
CA SER B 170 13.58 -6.24 15.27
C SER B 170 12.20 -6.23 15.96
N PHE B 171 11.44 -5.22 15.61
CA PHE B 171 10.03 -5.18 16.07
C PHE B 171 9.02 -5.00 14.91
N MET B 172 7.79 -5.50 15.18
CA MET B 172 6.64 -5.32 14.28
C MET B 172 5.44 -4.92 15.17
N THR B 173 4.37 -4.48 14.52
CA THR B 173 3.19 -4.16 15.33
C THR B 173 1.91 -4.83 14.71
N GLN B 174 0.89 -4.99 15.55
CA GLN B 174 -0.44 -5.20 15.07
C GLN B 174 -0.88 -3.96 14.25
N THR B 175 -1.82 -4.19 13.33
CA THR B 175 -2.26 -3.13 12.41
C THR B 175 -3.34 -2.23 12.94
N THR B 176 -4.05 -2.63 14.04
CA THR B 176 -5.26 -1.89 14.47
C THR B 176 -5.11 -1.22 15.83
N LEU B 177 -3.87 -1.02 16.21
CA LEU B 177 -3.56 -0.42 17.51
C LEU B 177 -3.86 1.08 17.65
N SER B 178 -3.95 1.53 18.92
CA SER B 178 -3.89 3.00 19.18
C SER B 178 -2.52 3.53 18.72
N VAL B 179 -2.59 4.56 17.88
CA VAL B 179 -1.35 5.17 17.34
C VAL B 179 -0.58 5.76 18.57
N ASP B 180 -1.33 6.43 19.47
CA ASP B 180 -0.68 7.08 20.65
C ASP B 180 0.01 6.11 21.63
N ASP B 181 -0.65 4.99 21.91
CA ASP B 181 -0.18 4.08 22.92
C ASP B 181 0.95 3.32 22.32
N THR B 182 0.84 2.99 21.03
CA THR B 182 1.95 2.28 20.36
C THR B 182 3.23 3.15 20.36
N SER B 183 3.05 4.44 20.15
CA SER B 183 4.18 5.35 20.18
C SER B 183 4.93 5.19 21.50
N ASP B 184 4.19 5.15 22.61
CA ASP B 184 4.80 4.89 23.95
C ASP B 184 5.61 3.59 24.05
N VAL B 185 5.10 2.54 23.47
CA VAL B 185 5.77 1.24 23.59
C VAL B 185 7.05 1.33 22.75
N ILE B 186 6.93 1.97 21.57
CA ILE B 186 8.10 2.08 20.70
C ILE B 186 9.23 2.88 21.36
N ASP B 187 8.85 3.98 22.00
CA ASP B 187 9.84 4.83 22.75
C ASP B 187 10.51 3.97 23.80
N ALA B 188 9.73 3.16 24.53
CA ALA B 188 10.29 2.20 25.49
C ALA B 188 11.30 1.20 24.85
N LEU B 189 10.88 0.58 23.73
CA LEU B 189 11.73 -0.37 23.01
C LEU B 189 13.04 0.25 22.58
N ARG B 190 13.02 1.49 22.11
CA ARG B 190 14.31 2.10 21.68
C ARG B 190 15.19 2.55 22.83
N LYS B 191 14.62 2.88 24.00
CA LYS B 191 15.44 3.17 25.20
C LYS B 191 16.02 1.90 25.78
N ARG B 192 15.29 0.81 25.72
CA ARG B 192 15.79 -0.43 26.33
C ARG B 192 16.72 -1.14 25.40
N PHE B 193 16.40 -1.09 24.11
CA PHE B 193 17.19 -1.83 23.10
C PHE B 193 17.63 -0.91 22.00
N PRO B 194 18.72 -0.21 22.18
CA PRO B 194 19.04 0.86 21.24
C PRO B 194 19.39 0.40 19.83
N LYS B 195 19.75 -0.87 19.64
CA LYS B 195 20.07 -1.41 18.32
C LYS B 195 18.83 -1.98 17.62
N ILE B 196 17.66 -1.88 18.24
CA ILE B 196 16.47 -2.53 17.62
C ILE B 196 16.12 -1.85 16.32
N VAL B 197 15.72 -2.70 15.39
CA VAL B 197 15.29 -2.28 14.06
C VAL B 197 13.80 -2.43 13.82
N GLY B 198 13.23 -1.43 13.16
CA GLY B 198 11.82 -1.46 12.82
C GLY B 198 11.49 -0.74 11.53
N PRO B 199 10.19 -0.57 11.25
CA PRO B 199 9.77 0.27 10.13
C PRO B 199 9.98 1.72 10.56
N ARG B 200 9.72 2.65 9.68
CA ARG B 200 9.93 4.06 10.04
C ARG B 200 9.19 4.46 11.29
N LYS B 201 7.97 3.95 11.46
CA LYS B 201 7.13 4.38 12.61
C LYS B 201 6.58 3.06 13.21
N ASP B 202 5.59 2.48 12.56
CA ASP B 202 4.97 1.26 13.09
C ASP B 202 4.26 0.52 11.94
N ASP B 203 3.53 -0.54 12.25
CA ASP B 203 2.81 -1.26 11.16
C ASP B 203 1.35 -1.01 11.26
N ILE B 204 0.97 0.04 12.00
CA ILE B 204 -0.49 0.40 12.04
C ILE B 204 -0.91 0.89 10.66
N CYS B 205 -2.03 0.39 10.10
CA CYS B 205 -2.29 0.62 8.71
C CYS B 205 -2.92 2.04 8.53
N TYR B 206 -3.06 2.40 7.25
CA TYR B 206 -3.59 3.73 6.92
C TYR B 206 -5.01 3.90 7.51
N ALA B 207 -5.79 2.81 7.49
CA ALA B 207 -7.20 2.93 7.84
C ALA B 207 -7.33 3.15 9.32
N THR B 208 -6.49 2.48 10.14
CA THR B 208 -6.58 2.69 11.62
C THR B 208 -6.12 4.12 11.87
N THR B 209 -5.00 4.53 11.28
CA THR B 209 -4.46 5.89 11.58
C THR B 209 -5.52 6.91 11.19
N ASN B 210 -6.13 6.71 10.02
CA ASN B 210 -7.11 7.70 9.53
C ASN B 210 -8.37 7.75 10.32
N ARG B 211 -8.81 6.59 10.81
CA ARG B 211 -10.07 6.61 11.62
C ARG B 211 -9.83 7.18 12.98
N GLN B 212 -8.61 6.97 13.56
CA GLN B 212 -8.34 7.64 14.82
C GLN B 212 -8.17 9.15 14.60
N GLU B 213 -7.54 9.57 13.50
CA GLU B 213 -7.42 11.00 13.29
C GLU B 213 -8.83 11.62 13.10
N ALA B 214 -9.65 10.88 12.37
CA ALA B 214 -11.04 11.35 12.13
C ALA B 214 -11.88 11.40 13.44
N VAL B 215 -11.73 10.44 14.35
CA VAL B 215 -12.54 10.52 15.53
C VAL B 215 -12.02 11.62 16.44
N ARG B 216 -10.72 11.92 16.39
CA ARG B 216 -10.20 13.06 17.14
C ARG B 216 -10.90 14.34 16.74
N ALA B 217 -10.98 14.55 15.42
CA ALA B 217 -11.68 15.76 14.89
C ALA B 217 -13.16 15.77 15.25
N LEU B 218 -13.82 14.58 15.26
CA LEU B 218 -15.25 14.44 15.55
C LEU B 218 -15.41 14.80 17.01
N ALA B 219 -14.52 14.31 17.86
CA ALA B 219 -14.76 14.52 19.29
C ALA B 219 -14.44 15.94 19.76
N GLU B 220 -13.65 16.69 19.01
CA GLU B 220 -13.48 18.11 19.37
C GLU B 220 -14.81 18.83 19.23
N GLN B 221 -15.67 18.35 18.35
CA GLN B 221 -16.98 19.05 18.22
C GLN B 221 -18.18 18.44 18.97
N ALA B 222 -18.21 17.13 19.06
CA ALA B 222 -19.39 16.35 19.54
C ALA B 222 -19.32 16.08 21.04
N GLU B 223 -20.45 16.20 21.76
CA GLU B 223 -20.47 15.87 23.20
C GLU B 223 -20.54 14.37 23.41
N VAL B 224 -21.18 13.64 22.48
CA VAL B 224 -21.36 12.17 22.61
C VAL B 224 -20.89 11.61 21.27
N VAL B 225 -20.17 10.50 21.34
CA VAL B 225 -19.66 9.85 20.11
C VAL B 225 -20.16 8.45 20.10
N LEU B 226 -20.91 8.06 19.05
CA LEU B 226 -21.33 6.65 18.90
C LEU B 226 -20.38 6.03 17.91
N VAL B 227 -19.84 4.89 18.28
CA VAL B 227 -18.91 4.19 17.35
C VAL B 227 -19.64 2.91 16.94
N VAL B 228 -19.93 2.72 15.66
CA VAL B 228 -20.57 1.43 15.26
C VAL B 228 -19.50 0.37 15.11
N GLY B 229 -19.64 -0.70 15.87
CA GLY B 229 -18.67 -1.83 15.82
C GLY B 229 -19.07 -2.89 16.82
N SER B 230 -18.59 -4.13 16.68
CA SER B 230 -18.84 -5.22 17.62
C SER B 230 -17.80 -5.16 18.77
N LYS B 231 -18.16 -5.81 19.89
CA LYS B 231 -17.29 -5.83 21.06
C LYS B 231 -15.96 -6.44 20.79
N ASN B 232 -15.81 -7.34 19.82
CA ASN B 232 -14.56 -8.03 19.63
C ASN B 232 -13.80 -7.36 18.48
N SER B 233 -14.25 -6.16 18.07
CA SER B 233 -13.45 -5.38 17.06
C SER B 233 -12.43 -4.48 17.74
N SER B 234 -11.13 -4.82 17.66
CA SER B 234 -10.13 -4.07 18.35
C SER B 234 -10.14 -2.62 17.82
N ASN B 235 -10.14 -2.49 16.49
CA ASN B 235 -9.99 -1.10 16.01
C ASN B 235 -11.17 -0.27 16.38
N SER B 236 -12.35 -0.90 16.52
CA SER B 236 -13.55 -0.13 16.87
C SER B 236 -13.45 0.32 18.32
N ASN B 237 -12.96 -0.60 19.17
CA ASN B 237 -12.69 -0.24 20.63
C ASN B 237 -11.70 0.90 20.76
N ARG B 238 -10.72 0.95 19.87
CA ARG B 238 -9.75 2.08 19.97
C ARG B 238 -10.37 3.39 19.65
N LEU B 239 -11.34 3.39 18.71
CA LEU B 239 -12.06 4.64 18.39
C LEU B 239 -12.90 5.14 19.55
N ALA B 240 -13.63 4.24 20.18
CA ALA B 240 -14.39 4.61 21.40
C ALA B 240 -13.46 5.13 22.49
N GLU B 241 -12.35 4.44 22.74
CA GLU B 241 -11.41 4.85 23.82
C GLU B 241 -10.84 6.18 23.55
N LEU B 242 -10.47 6.50 22.29
CA LEU B 242 -9.86 7.77 22.00
C LEU B 242 -10.85 8.91 22.35
N ALA B 243 -12.09 8.78 21.91
CA ALA B 243 -13.11 9.78 22.18
C ALA B 243 -13.31 9.96 23.68
N GLN B 244 -13.38 8.86 24.40
CA GLN B 244 -13.49 8.93 25.85
C GLN B 244 -12.28 9.64 26.48
N ARG B 245 -11.06 9.30 26.04
CA ARG B 245 -9.86 9.98 26.53
C ARG B 245 -9.85 11.51 26.30
N MET B 246 -10.51 11.98 25.23
CA MET B 246 -10.70 13.41 24.99
C MET B 246 -11.78 14.09 25.83
N GLY B 247 -12.39 13.25 26.68
CA GLY B 247 -13.40 13.68 27.66
C GLY B 247 -14.83 13.69 27.17
N LYS B 248 -15.11 13.01 26.09
CA LYS B 248 -16.47 13.01 25.57
C LYS B 248 -17.14 11.72 26.05
N ARG B 249 -18.46 11.61 25.99
CA ARG B 249 -19.05 10.34 26.35
C ARG B 249 -19.08 9.49 25.07
N ALA B 250 -18.55 8.26 25.11
CA ALA B 250 -18.46 7.42 23.89
C ALA B 250 -19.13 6.08 24.11
N PHE B 251 -19.81 5.54 23.09
CA PHE B 251 -20.48 4.25 23.20
C PHE B 251 -20.12 3.39 21.99
N LEU B 252 -19.71 2.13 22.20
CA LEU B 252 -19.53 1.18 21.09
C LEU B 252 -20.87 0.48 20.97
N ILE B 253 -21.48 0.50 19.79
CA ILE B 253 -22.80 -0.09 19.60
C ILE B 253 -22.76 -0.96 18.36
N ASP B 254 -23.46 -2.09 18.42
CA ASP B 254 -23.54 -2.88 17.19
C ASP B 254 -24.46 -2.32 16.17
N ASP B 255 -25.53 -1.69 16.64
CA ASP B 255 -26.52 -1.09 15.73
C ASP B 255 -27.49 -0.15 16.40
N ALA B 256 -28.36 0.43 15.61
CA ALA B 256 -29.18 1.54 16.12
C ALA B 256 -30.07 1.09 17.26
N LYS B 257 -30.41 -0.19 17.31
CA LYS B 257 -31.27 -0.72 18.42
C LYS B 257 -30.60 -0.63 19.80
N ASP B 258 -29.27 -0.58 19.81
CA ASP B 258 -28.55 -0.42 21.06
C ASP B 258 -28.63 0.97 21.68
N ILE B 259 -29.03 1.99 20.91
CA ILE B 259 -28.92 3.36 21.38
C ILE B 259 -30.06 3.61 22.41
N GLN B 260 -29.69 4.12 23.57
CA GLN B 260 -30.63 4.43 24.67
C GLN B 260 -31.00 5.89 24.58
N GLU B 261 -32.29 6.27 24.76
CA GLU B 261 -32.58 7.72 24.65
C GLU B 261 -31.85 8.57 25.68
N GLU B 262 -31.69 8.06 26.91
CA GLU B 262 -30.89 8.70 27.98
C GLU B 262 -29.54 9.22 27.48
N TRP B 263 -28.93 8.47 26.55
CA TRP B 263 -27.56 8.78 26.09
C TRP B 263 -27.51 10.11 25.42
N VAL B 264 -28.61 10.53 24.79
CA VAL B 264 -28.55 11.70 23.91
C VAL B 264 -29.56 12.77 24.34
N LYS B 265 -30.25 12.51 25.45
CA LYS B 265 -31.20 13.53 26.00
C LYS B 265 -30.53 14.91 26.14
N GLU B 266 -31.04 15.91 25.39
CA GLU B 266 -30.53 17.31 25.51
C GLU B 266 -29.05 17.54 25.09
N VAL B 267 -28.45 16.53 24.48
CA VAL B 267 -27.15 16.71 23.86
C VAL B 267 -27.33 17.60 22.64
N LYS B 268 -26.44 18.56 22.41
CA LYS B 268 -26.61 19.44 21.26
C LYS B 268 -25.93 18.93 19.98
N CYS B 269 -24.86 18.14 20.17
CA CYS B 269 -24.08 17.64 19.07
C CYS B 269 -23.69 16.20 19.38
N VAL B 270 -24.18 15.30 18.56
CA VAL B 270 -23.78 13.85 18.63
C VAL B 270 -22.97 13.46 17.38
N GLY B 271 -21.91 12.66 17.57
CA GLY B 271 -21.05 12.33 16.49
C GLY B 271 -21.18 10.84 16.30
N VAL B 272 -21.05 10.40 15.05
CA VAL B 272 -21.13 8.97 14.71
C VAL B 272 -19.92 8.62 13.87
N THR B 273 -19.29 7.53 14.25
CA THR B 273 -18.26 6.97 13.37
C THR B 273 -18.47 5.46 13.32
N ALA B 274 -17.63 4.73 12.58
CA ALA B 274 -17.81 3.34 12.44
C ALA B 274 -16.39 2.81 12.35
N GLY B 275 -16.18 1.64 12.96
CA GLY B 275 -14.93 0.92 12.81
C GLY B 275 -14.76 0.32 11.41
N ALA B 276 -13.56 -0.20 11.14
CA ALA B 276 -13.18 -0.61 9.78
C ALA B 276 -14.00 -1.86 9.33
N SER B 277 -14.68 -2.58 10.24
CA SER B 277 -15.41 -3.79 9.85
C SER B 277 -16.95 -3.56 9.86
N ALA B 278 -17.40 -2.31 10.04
CA ALA B 278 -18.86 -2.02 10.09
C ALA B 278 -19.42 -1.46 8.78
N PRO B 279 -20.45 -2.11 8.23
CA PRO B 279 -21.03 -1.67 6.99
C PRO B 279 -21.80 -0.35 7.14
N ASP B 280 -21.85 0.38 6.04
CA ASP B 280 -22.40 1.70 6.04
C ASP B 280 -23.89 1.71 6.34
N ILE B 281 -24.58 0.68 5.87
CA ILE B 281 -26.03 0.67 6.23
C ILE B 281 -26.27 0.76 7.74
N LEU B 282 -25.39 0.20 8.58
CA LEU B 282 -25.56 0.35 10.02
C LEU B 282 -25.44 1.78 10.47
N VAL B 283 -24.47 2.49 9.90
CA VAL B 283 -24.39 3.94 10.12
C VAL B 283 -25.69 4.70 9.70
N GLN B 284 -26.19 4.40 8.51
CA GLN B 284 -27.41 5.08 8.00
C GLN B 284 -28.54 4.80 8.94
N ASN B 285 -28.66 3.57 9.46
CA ASN B 285 -29.78 3.27 10.42
C ASN B 285 -29.57 3.99 11.76
N VAL B 286 -28.33 4.18 12.18
CA VAL B 286 -28.03 4.92 13.46
C VAL B 286 -28.45 6.34 13.28
N VAL B 287 -28.17 6.90 12.09
CA VAL B 287 -28.49 8.29 11.86
C VAL B 287 -30.01 8.43 11.88
N ALA B 288 -30.68 7.46 11.25
CA ALA B 288 -32.17 7.47 11.31
C ALA B 288 -32.77 7.38 12.72
N ARG B 289 -32.20 6.53 13.58
CA ARG B 289 -32.60 6.43 14.98
C ARG B 289 -32.35 7.77 15.69
N LEU B 290 -31.20 8.42 15.43
CA LEU B 290 -30.90 9.73 16.08
C LEU B 290 -31.91 10.80 15.62
N GLN B 291 -32.40 10.65 14.39
CA GLN B 291 -33.36 11.66 13.84
C GLN B 291 -34.69 11.49 14.54
N GLN B 292 -35.01 10.23 14.85
CA GLN B 292 -36.21 9.88 15.66
C GLN B 292 -36.12 10.56 16.99
N LEU B 293 -34.90 10.68 17.47
CA LEU B 293 -34.72 11.16 18.77
C LEU B 293 -34.42 12.64 18.62
N GLY B 294 -34.70 13.23 17.46
CA GLY B 294 -34.60 14.68 17.31
C GLY B 294 -33.44 15.30 16.58
N GLY B 295 -32.60 14.52 15.93
CA GLY B 295 -31.50 15.16 15.20
C GLY B 295 -31.88 15.66 13.82
N GLY B 296 -31.08 16.58 13.24
CA GLY B 296 -31.29 17.04 11.85
C GLY B 296 -30.59 16.23 10.77
N GLU B 297 -30.35 16.88 9.64
CA GLU B 297 -29.57 16.34 8.54
C GLU B 297 -28.22 15.93 9.09
N ALA B 298 -27.75 14.73 8.74
CA ALA B 298 -26.40 14.35 9.14
C ALA B 298 -25.42 15.20 8.33
N ILE B 299 -24.44 15.79 9.01
CA ILE B 299 -23.38 16.51 8.36
C ILE B 299 -22.08 15.71 8.36
N PRO B 300 -21.57 15.34 7.18
CA PRO B 300 -20.28 14.68 7.14
C PRO B 300 -19.12 15.69 7.33
N LEU B 301 -18.18 15.40 8.24
CA LEU B 301 -16.99 16.27 8.36
C LEU B 301 -16.05 16.08 7.18
N GLU B 302 -15.22 17.08 6.90
CA GLU B 302 -14.25 16.97 5.82
C GLU B 302 -13.13 16.08 6.33
N GLY B 303 -12.56 15.24 5.46
CA GLY B 303 -11.64 14.22 5.95
C GLY B 303 -10.51 13.87 5.03
N ARG B 304 -9.47 13.21 5.51
CA ARG B 304 -8.40 12.81 4.64
C ARG B 304 -9.01 11.84 3.56
N GLU B 305 -8.66 12.03 2.29
CA GLU B 305 -9.21 11.13 1.28
C GLU B 305 -8.55 9.73 1.36
N GLU B 306 -9.33 8.67 1.16
CA GLU B 306 -8.69 7.33 1.04
C GLU B 306 -8.86 6.88 -0.40
N ASN B 307 -7.82 6.32 -1.03
CA ASN B 307 -7.97 5.93 -2.40
C ASN B 307 -7.53 4.51 -2.68
N ILE B 308 -7.24 3.77 -1.63
CA ILE B 308 -6.68 2.38 -1.84
C ILE B 308 -7.79 1.34 -1.93
N VAL B 309 -7.67 0.45 -2.90
CA VAL B 309 -8.59 -0.66 -3.08
C VAL B 309 -7.76 -1.92 -3.24
N PHE B 310 -8.21 -3.07 -2.63
CA PHE B 310 -7.56 -4.31 -2.88
C PHE B 310 -8.55 -5.20 -3.60
N GLU B 311 -8.22 -5.61 -4.82
CA GLU B 311 -9.13 -6.50 -5.60
C GLU B 311 -9.25 -7.94 -5.04
N VAL B 312 -10.39 -8.58 -5.28
CA VAL B 312 -10.49 -10.00 -5.00
C VAL B 312 -9.66 -10.76 -6.01
N PRO B 313 -9.27 -12.00 -5.71
CA PRO B 313 -8.53 -12.92 -6.60
C PRO B 313 -9.35 -13.03 -7.90
N LYS B 314 -8.62 -13.00 -9.03
CA LYS B 314 -9.29 -13.00 -10.35
C LYS B 314 -10.28 -14.09 -10.53
N GLU B 315 -9.93 -15.30 -10.06
CA GLU B 315 -10.91 -16.41 -9.90
C GLU B 315 -12.25 -16.10 -9.21
N LEU B 316 -12.29 -15.14 -8.29
CA LEU B 316 -13.54 -14.80 -7.68
C LEU B 316 -14.21 -13.51 -8.21
N ARG B 317 -13.82 -13.04 -9.40
CA ARG B 317 -14.48 -11.89 -10.06
C ARG B 317 -15.91 -12.19 -10.43
N VAL B 318 -16.79 -11.21 -10.13
CA VAL B 318 -18.25 -11.19 -10.38
C VAL B 318 -18.61 -10.16 -11.51
FE1 SF4 C . 3.80 2.79 -10.33
FE2 SF4 C . 3.47 4.15 -8.00
FE3 SF4 C . 5.66 4.59 -9.45
FE4 SF4 C . 5.37 2.24 -8.21
S1 SF4 C . 5.63 4.23 -7.18
S2 SF4 C . 6.09 2.52 -10.39
S3 SF4 C . 3.03 1.96 -8.30
S4 SF4 C . 3.49 4.98 -10.19
O13 10G D . 10.23 4.44 -14.21
P12 10G D . 10.04 5.94 -14.31
O14 10G D . 10.93 6.65 -15.27
O15 10G D . 10.14 6.60 -12.91
O11 10G D . 8.55 6.36 -14.73
P8 10G D . 7.47 5.66 -15.66
O9 10G D . 8.11 4.96 -16.83
O10 10G D . 6.47 6.72 -15.97
O7 10G D . 6.79 4.44 -14.79
C6 10G D . 5.88 4.74 -13.69
C5 10G D . 6.68 5.39 -12.65
C3 10G D . 6.49 6.50 -11.95
C4 10G D . 5.39 7.49 -11.91
C1 10G D . 7.57 6.95 -10.99
S2 10G D . 6.88 6.52 -9.44
FE1 SF4 E . -8.39 -3.03 7.20
FE2 SF4 E . -6.13 -4.19 6.22
FE3 SF4 E . -6.77 -4.60 8.77
FE4 SF4 E . -5.97 -2.16 7.98
S1 SF4 E . -4.70 -4.02 7.99
S2 SF4 E . -7.77 -2.60 9.39
S3 SF4 E . -6.79 -2.11 5.79
S4 SF4 E . -8.08 -5.23 6.99
O13 10G F . -10.45 -6.66 15.86
P12 10G F . -9.86 -6.00 14.62
O14 10G F . -8.41 -6.49 14.35
O15 10G F . -9.88 -4.55 14.69
O11 10G F . -10.64 -6.59 13.39
P8 10G F . -11.97 -6.09 12.58
O9 10G F . -12.42 -7.24 11.75
O10 10G F . -12.95 -5.43 13.46
O7 10G F . -11.51 -4.85 11.58
C6 10G F . -10.80 -5.03 10.31
C5 10G F . -9.49 -5.46 10.77
C3 10G F . -8.75 -6.55 10.51
C4 10G F . -8.78 -7.66 9.53
C1 10G F . -7.44 -6.71 11.29
S2 10G F . -6.21 -6.35 10.06
#